data_2REM
#
_entry.id   2REM
#
_cell.length_a   200.117
_cell.length_b   41.722
_cell.length_c   79.807
_cell.angle_alpha   90.000
_cell.angle_beta   95.870
_cell.angle_gamma   90.000
#
_symmetry.space_group_name_H-M   'C 1 2 1'
#
loop_
_entity.id
_entity.type
_entity.pdbx_description
1 polymer 'Disulfide oxidoreductase'
2 polymer '8 residue peptide'
3 water water
#
loop_
_entity_poly.entity_id
_entity_poly.type
_entity_poly.pdbx_seq_one_letter_code
_entity_poly.pdbx_strand_id
1 'polypeptide(L)'
;MNHLPVVGEDYVEIPDGRPFAPLAGKIEVVEIFGYTCPHCAHFDSKLQAWGARQAKDVRFTLVPAVFGGVWDPFARAYLA
ADVLGVAKRSHTAMFEAIHEKGSVPIQNVGPDELAVFYAGYGVQPDRFVATFNGPEVEKRFQAARAYALKVRPVGTPTIV
VNGRYMVTGHDFEDTLRITDYLVSRERAASHGR
;
A,B,C
2 'polypeptide(L)' (UNK)(UNK)(UNK)(UNK)(UNK)(UNK)(UNK)(UNK) T
#
# COMPACT_ATOMS: atom_id res chain seq x y z
N HIS A 3 5.13 24.71 -23.02
CA HIS A 3 5.47 23.64 -23.98
C HIS A 3 4.41 22.58 -23.86
N LEU A 4 4.19 21.84 -24.94
CA LEU A 4 3.32 20.68 -24.86
C LEU A 4 3.97 19.65 -23.95
N PRO A 5 3.16 19.01 -23.09
CA PRO A 5 3.67 17.97 -22.22
C PRO A 5 4.47 16.93 -23.00
N VAL A 6 5.56 16.48 -22.39
CA VAL A 6 6.55 15.58 -22.95
C VAL A 6 6.57 14.36 -22.04
N VAL A 7 6.54 13.18 -22.64
CA VAL A 7 6.65 11.95 -21.85
C VAL A 7 7.96 11.98 -21.10
N GLY A 8 7.94 11.42 -19.90
CA GLY A 8 9.09 11.43 -19.03
C GLY A 8 9.37 12.75 -18.33
N GLU A 9 8.73 13.84 -18.74
CA GLU A 9 8.87 15.12 -18.02
C GLU A 9 7.55 15.47 -17.36
N ASP A 10 6.49 15.45 -18.16
CA ASP A 10 5.18 15.92 -17.72
C ASP A 10 4.21 14.79 -17.42
N TYR A 11 4.48 13.62 -17.98
CA TYR A 11 3.66 12.46 -17.71
C TYR A 11 4.51 11.25 -18.06
N VAL A 12 4.10 10.08 -17.56
CA VAL A 12 4.74 8.84 -17.98
C VAL A 12 3.65 7.88 -18.44
N GLU A 13 4.05 6.90 -19.22
CA GLU A 13 3.12 5.94 -19.72
C GLU A 13 3.21 4.71 -18.85
N ILE A 14 2.03 4.24 -18.45
CA ILE A 14 1.89 3.05 -17.63
C ILE A 14 1.88 1.83 -18.57
N PRO A 15 2.89 0.93 -18.42
CA PRO A 15 2.98 -0.24 -19.29
C PRO A 15 1.76 -1.11 -19.06
N ASP A 16 1.16 -1.56 -20.16
CA ASP A 16 0.00 -2.44 -20.12
C ASP A 16 -1.12 -1.79 -19.32
N GLY A 17 -1.18 -0.45 -19.33
CA GLY A 17 -2.12 0.28 -18.49
C GLY A 17 -3.55 -0.03 -18.87
N ARG A 18 -4.41 -0.13 -17.87
CA ARG A 18 -5.82 -0.39 -18.06
C ARG A 18 -6.54 0.62 -17.22
N PRO A 19 -7.64 1.17 -17.77
CA PRO A 19 -8.36 2.17 -16.98
C PRO A 19 -8.93 1.52 -15.75
N PHE A 20 -9.22 2.35 -14.76
CA PHE A 20 -9.84 1.87 -13.53
C PHE A 20 -11.16 1.11 -13.76
N ALA A 21 -11.96 1.61 -14.70
CA ALA A 21 -13.17 0.95 -15.16
C ALA A 21 -13.18 0.98 -16.71
N PRO A 22 -13.88 0.02 -17.37
CA PRO A 22 -13.94 0.09 -18.84
C PRO A 22 -14.34 1.50 -19.33
N LEU A 23 -13.71 1.94 -20.40
CA LEU A 23 -13.92 3.31 -20.88
C LEU A 23 -15.34 3.53 -21.42
N ALA A 24 -15.82 2.60 -22.24
CA ALA A 24 -17.17 2.67 -22.81
C ALA A 24 -17.44 4.02 -23.49
N GLY A 25 -16.56 4.38 -24.44
CA GLY A 25 -16.60 5.70 -25.08
C GLY A 25 -15.98 6.88 -24.31
N LYS A 26 -15.74 6.70 -23.02
CA LYS A 26 -15.28 7.78 -22.14
C LYS A 26 -13.75 7.94 -22.09
N ILE A 27 -13.33 9.14 -21.69
CA ILE A 27 -11.95 9.37 -21.30
C ILE A 27 -11.94 9.39 -19.79
N GLU A 28 -11.26 8.41 -19.21
CA GLU A 28 -11.23 8.30 -17.77
C GLU A 28 -10.11 9.14 -17.25
N VAL A 29 -10.44 9.98 -16.27
CA VAL A 29 -9.45 10.73 -15.54
C VAL A 29 -9.62 10.34 -14.10
N VAL A 30 -8.62 9.65 -13.58
CA VAL A 30 -8.59 9.27 -12.18
C VAL A 30 -7.66 10.20 -11.42
N GLU A 31 -8.12 10.62 -10.24
CA GLU A 31 -7.20 11.17 -9.23
C GLU A 31 -7.04 10.15 -8.12
N ILE A 32 -5.81 9.68 -7.96
CA ILE A 32 -5.43 8.88 -6.80
C ILE A 32 -5.13 9.90 -5.73
N PHE A 33 -5.87 9.83 -4.63
CA PHE A 33 -5.75 10.80 -3.56
C PHE A 33 -5.76 10.03 -2.22
N GLY A 34 -5.30 10.68 -1.18
CA GLY A 34 -5.56 10.24 0.18
C GLY A 34 -6.09 11.41 0.99
N TYR A 35 -7.07 11.15 1.84
CA TYR A 35 -7.54 12.13 2.81
C TYR A 35 -6.44 12.64 3.73
N THR A 36 -5.45 11.79 4.00
CA THR A 36 -4.35 12.15 4.88
C THR A 36 -3.33 13.04 4.23
N CYS A 37 -3.46 13.21 2.91
CA CYS A 37 -2.48 13.95 2.14
C CYS A 37 -2.84 15.43 2.09
N PRO A 38 -1.97 16.29 2.66
CA PRO A 38 -2.32 17.72 2.61
C PRO A 38 -2.31 18.29 1.19
N HIS A 39 -1.51 17.71 0.29
CA HIS A 39 -1.54 18.14 -1.11
C HIS A 39 -2.90 17.86 -1.74
N CYS A 40 -3.43 16.66 -1.47
CA CYS A 40 -4.76 16.31 -1.93
C CYS A 40 -5.82 17.26 -1.40
N ALA A 41 -5.73 17.60 -0.12
CA ALA A 41 -6.66 18.54 0.50
C ALA A 41 -6.62 19.87 -0.23
N HIS A 42 -5.41 20.31 -0.57
CA HIS A 42 -5.21 21.63 -1.16
C HIS A 42 -5.67 21.64 -2.61
N PHE A 43 -5.53 20.50 -3.27
CA PHE A 43 -5.81 20.38 -4.67
C PHE A 43 -7.30 20.25 -4.93
N ASP A 44 -8.04 19.74 -3.94
CA ASP A 44 -9.36 19.24 -4.24
C ASP A 44 -10.28 20.29 -4.87
N SER A 45 -10.26 21.50 -4.34
CA SER A 45 -11.17 22.53 -4.87
C SER A 45 -10.85 22.84 -6.33
N LYS A 46 -9.56 22.96 -6.66
CA LYS A 46 -9.13 23.21 -8.05
C LYS A 46 -9.53 22.01 -8.92
N LEU A 47 -9.35 20.81 -8.37
CA LEU A 47 -9.64 19.59 -9.10
C LEU A 47 -11.14 19.44 -9.33
N GLN A 48 -11.94 19.73 -8.31
CA GLN A 48 -13.37 19.58 -8.46
C GLN A 48 -13.90 20.57 -9.47
N ALA A 49 -13.37 21.79 -9.46
CA ALA A 49 -13.78 22.79 -10.42
C ALA A 49 -13.45 22.33 -11.84
N TRP A 50 -12.25 21.81 -12.00
CA TRP A 50 -11.80 21.24 -13.26
C TRP A 50 -12.74 20.11 -13.70
N GLY A 51 -13.08 19.22 -12.77
CA GLY A 51 -14.00 18.12 -13.06
C GLY A 51 -15.33 18.62 -13.62
N ALA A 52 -15.85 19.69 -13.03
CA ALA A 52 -17.14 20.25 -13.42
C ALA A 52 -17.08 20.94 -14.77
N ARG A 53 -15.90 21.37 -15.17
CA ARG A 53 -15.68 22.01 -16.46
C ARG A 53 -15.56 21.03 -17.64
N GLN A 54 -15.49 19.74 -17.38
CA GLN A 54 -15.13 18.77 -18.44
C GLN A 54 -16.31 18.41 -19.33
N ALA A 55 -16.03 18.08 -20.59
CA ALA A 55 -17.05 17.57 -21.51
C ALA A 55 -17.62 16.23 -21.01
N LYS A 56 -18.74 15.81 -21.60
CA LYS A 56 -19.46 14.62 -21.10
C LYS A 56 -18.71 13.31 -21.32
N ASP A 57 -17.81 13.31 -22.29
CA ASP A 57 -16.99 12.13 -22.55
C ASP A 57 -15.89 11.91 -21.49
N VAL A 58 -15.71 12.87 -20.59
CA VAL A 58 -14.80 12.67 -19.45
C VAL A 58 -15.50 11.98 -18.27
N ARG A 59 -14.95 10.85 -17.82
CA ARG A 59 -15.37 10.23 -16.60
C ARG A 59 -14.30 10.52 -15.55
N PHE A 60 -14.62 11.41 -14.62
CA PHE A 60 -13.67 11.79 -13.58
C PHE A 60 -13.95 10.96 -12.33
N THR A 61 -12.94 10.26 -11.87
CA THR A 61 -13.12 9.26 -10.83
C THR A 61 -12.07 9.46 -9.77
N LEU A 62 -12.50 9.44 -8.51
CA LEU A 62 -11.57 9.42 -7.40
C LEU A 62 -11.23 8.01 -7.05
N VAL A 63 -9.94 7.76 -6.84
CA VAL A 63 -9.49 6.46 -6.38
C VAL A 63 -8.60 6.72 -5.17
N PRO A 64 -9.02 6.17 -4.01
CA PRO A 64 -8.21 6.45 -2.84
C PRO A 64 -6.91 5.66 -2.92
N ALA A 65 -5.84 6.28 -2.42
CA ALA A 65 -4.53 5.69 -2.31
C ALA A 65 -4.49 4.67 -1.18
N VAL A 66 -4.27 3.41 -1.59
CA VAL A 66 -4.11 2.31 -0.66
C VAL A 66 -2.62 2.08 -0.58
N PHE A 67 -1.98 2.88 0.28
CA PHE A 67 -0.52 2.94 0.30
C PHE A 67 0.01 2.28 1.58
N GLY A 68 -0.90 1.69 2.37
CA GLY A 68 -0.48 1.05 3.60
C GLY A 68 -0.56 2.03 4.75
N GLY A 69 -0.23 1.57 5.95
CA GLY A 69 -0.23 2.42 7.13
C GLY A 69 -1.48 3.28 7.27
N VAL A 70 -1.25 4.59 7.50
CA VAL A 70 -2.34 5.51 7.80
C VAL A 70 -3.28 5.72 6.62
N TRP A 71 -2.78 5.48 5.40
CA TRP A 71 -3.58 5.72 4.20
C TRP A 71 -4.79 4.81 4.17
N ASP A 72 -4.63 3.58 4.64
CA ASP A 72 -5.61 2.53 4.35
C ASP A 72 -6.96 2.73 5.02
N PRO A 73 -7.00 3.05 6.34
CA PRO A 73 -8.28 3.38 6.95
C PRO A 73 -9.02 4.49 6.21
N PHE A 74 -8.28 5.48 5.72
CA PHE A 74 -8.93 6.58 5.01
C PHE A 74 -9.34 6.23 3.61
N ALA A 75 -8.61 5.29 3.00
CA ALA A 75 -9.06 4.76 1.73
C ALA A 75 -10.39 4.06 1.96
N ARG A 76 -10.44 3.24 3.00
CA ARG A 76 -11.64 2.50 3.32
C ARG A 76 -12.78 3.44 3.72
N ALA A 77 -12.46 4.52 4.45
CA ALA A 77 -13.42 5.56 4.79
C ALA A 77 -14.06 6.12 3.52
N TYR A 78 -13.21 6.54 2.58
CA TYR A 78 -13.73 7.06 1.32
C TYR A 78 -14.67 6.08 0.64
N LEU A 79 -14.22 4.84 0.50
CA LEU A 79 -15.02 3.84 -0.19
C LEU A 79 -16.33 3.57 0.52
N ALA A 80 -16.31 3.43 1.84
CA ALA A 80 -17.55 3.24 2.60
C ALA A 80 -18.48 4.45 2.38
N ALA A 81 -17.92 5.64 2.45
CA ALA A 81 -18.70 6.87 2.20
C ALA A 81 -19.32 6.83 0.83
N ASP A 82 -18.55 6.39 -0.14
CA ASP A 82 -19.03 6.33 -1.52
C ASP A 82 -20.12 5.31 -1.70
N VAL A 83 -19.91 4.12 -1.16
CA VAL A 83 -20.95 3.08 -1.13
C VAL A 83 -22.22 3.63 -0.49
N LEU A 84 -22.06 4.45 0.53
CA LEU A 84 -23.19 4.98 1.29
C LEU A 84 -23.79 6.25 0.66
N GLY A 85 -23.16 6.73 -0.41
CA GLY A 85 -23.65 7.90 -1.15
C GLY A 85 -23.39 9.22 -0.45
N VAL A 86 -22.41 9.26 0.43
CA VAL A 86 -22.10 10.48 1.16
C VAL A 86 -20.66 10.96 0.95
N ALA A 87 -19.94 10.32 0.01
CA ALA A 87 -18.56 10.69 -0.24
C ALA A 87 -18.48 12.12 -0.79
N LYS A 88 -19.26 12.38 -1.85
CA LYS A 88 -19.20 13.69 -2.50
C LYS A 88 -19.55 14.83 -1.51
N ARG A 89 -20.60 14.63 -0.70
CA ARG A 89 -21.02 15.71 0.20
C ARG A 89 -20.05 15.89 1.39
N SER A 90 -19.26 14.89 1.70
CA SER A 90 -18.42 14.96 2.90
C SER A 90 -16.93 15.12 2.56
N HIS A 91 -16.61 15.16 1.27
CA HIS A 91 -15.21 15.00 0.83
C HIS A 91 -14.31 16.13 1.34
N THR A 92 -14.72 17.36 1.05
CA THR A 92 -14.04 18.58 1.54
C THR A 92 -14.03 18.60 3.05
N ALA A 93 -15.17 18.29 3.66
CA ALA A 93 -15.26 18.25 5.11
C ALA A 93 -14.29 17.25 5.74
N MET A 94 -14.11 16.09 5.09
CA MET A 94 -13.15 15.13 5.61
C MET A 94 -11.73 15.71 5.56
N PHE A 95 -11.33 16.27 4.43
CA PHE A 95 -10.03 16.96 4.36
C PHE A 95 -9.87 18.01 5.44
N GLU A 96 -10.91 18.84 5.59
CA GLU A 96 -10.90 19.88 6.59
C GLU A 96 -10.82 19.32 8.02
N ALA A 97 -11.59 18.26 8.30
CA ALA A 97 -11.55 17.59 9.61
C ALA A 97 -10.14 17.14 9.96
N ILE A 98 -9.42 16.61 8.98
CA ILE A 98 -8.08 16.08 9.20
C ILE A 98 -7.06 17.21 9.28
N HIS A 99 -7.10 18.10 8.29
CA HIS A 99 -6.01 18.99 8.06
C HIS A 99 -6.18 20.36 8.67
N GLU A 100 -7.43 20.73 8.99
CA GLU A 100 -7.69 22.07 9.50
C GLU A 100 -8.24 22.02 10.93
N LYS A 101 -9.34 21.30 11.13
CA LYS A 101 -10.02 21.22 12.43
C LYS A 101 -9.29 20.31 13.40
N GLY A 102 -8.61 19.31 12.86
CA GLY A 102 -8.07 18.23 13.68
C GLY A 102 -9.16 17.46 14.40
N SER A 103 -10.34 17.35 13.80
CA SER A 103 -11.46 16.65 14.42
C SER A 103 -11.50 15.17 14.05
N VAL A 104 -10.71 14.79 13.06
CA VAL A 104 -10.56 13.38 12.75
C VAL A 104 -9.03 13.17 12.75
N PRO A 105 -8.53 12.22 13.55
CA PRO A 105 -7.10 12.00 13.64
C PRO A 105 -6.55 11.19 12.44
N ILE A 106 -5.30 11.40 12.09
CA ILE A 106 -4.68 10.56 11.07
C ILE A 106 -4.23 9.25 11.74
N GLN A 107 -3.48 9.38 12.82
CA GLN A 107 -2.93 8.21 13.50
C GLN A 107 -4.02 7.46 14.24
N ASN A 108 -4.01 6.13 14.04
CA ASN A 108 -4.86 5.19 14.77
C ASN A 108 -6.33 5.50 14.65
N VAL A 109 -6.72 6.16 13.56
CA VAL A 109 -8.12 6.39 13.31
C VAL A 109 -8.80 5.04 13.13
N GLY A 110 -10.02 4.94 13.64
CA GLY A 110 -10.79 3.73 13.50
C GLY A 110 -12.22 3.99 13.10
N PRO A 111 -12.98 2.90 12.90
CA PRO A 111 -14.35 2.97 12.48
C PRO A 111 -15.18 3.78 13.47
N ASP A 112 -14.79 3.89 14.74
CA ASP A 112 -15.65 4.71 15.59
C ASP A 112 -15.48 6.23 15.48
N GLU A 113 -14.25 6.71 15.26
CA GLU A 113 -14.06 8.11 14.92
C GLU A 113 -14.74 8.33 13.57
N LEU A 114 -14.63 7.36 12.67
CA LEU A 114 -15.14 7.57 11.33
C LEU A 114 -16.65 7.55 11.35
N ALA A 115 -17.22 6.62 12.11
CA ALA A 115 -18.68 6.54 12.18
C ALA A 115 -19.24 7.84 12.74
N VAL A 116 -18.55 8.44 13.72
CA VAL A 116 -19.04 9.69 14.31
C VAL A 116 -19.03 10.76 13.22
N PHE A 117 -17.96 10.81 12.43
CA PHE A 117 -17.86 11.76 11.35
C PHE A 117 -19.04 11.62 10.38
N TYR A 118 -19.25 10.39 9.88
CA TYR A 118 -20.28 10.15 8.89
C TYR A 118 -21.69 10.24 9.47
N ALA A 119 -21.80 10.06 10.79
CA ALA A 119 -23.07 10.29 11.48
C ALA A 119 -23.59 11.70 11.18
N GLY A 120 -22.66 12.63 10.92
CA GLY A 120 -23.01 13.99 10.60
C GLY A 120 -23.68 14.09 9.24
N TYR A 121 -23.45 13.08 8.40
CA TYR A 121 -24.05 13.02 7.06
C TYR A 121 -25.24 12.05 6.98
N GLY A 122 -25.84 11.75 8.13
CA GLY A 122 -27.05 10.93 8.17
C GLY A 122 -26.79 9.44 8.06
N VAL A 123 -25.54 9.03 8.19
CA VAL A 123 -25.20 7.60 8.19
C VAL A 123 -25.29 7.02 9.58
N GLN A 124 -26.15 6.02 9.72
CA GLN A 124 -26.26 5.28 10.95
C GLN A 124 -24.90 4.66 11.24
N PRO A 125 -24.37 4.85 12.45
CA PRO A 125 -23.04 4.35 12.81
C PRO A 125 -22.89 2.84 12.62
N ASP A 126 -23.95 2.07 12.91
CA ASP A 126 -23.88 0.61 12.69
C ASP A 126 -23.79 0.30 11.20
N ARG A 127 -24.49 1.08 10.38
CA ARG A 127 -24.36 0.96 8.94
C ARG A 127 -22.97 1.40 8.45
N PHE A 128 -22.45 2.49 8.99
CA PHE A 128 -21.09 2.86 8.63
C PHE A 128 -20.12 1.72 8.93
N VAL A 129 -20.20 1.18 10.14
CA VAL A 129 -19.28 0.09 10.55
C VAL A 129 -19.44 -1.15 9.67
N ALA A 130 -20.69 -1.54 9.42
CA ALA A 130 -20.96 -2.66 8.55
C ALA A 130 -20.42 -2.41 7.16
N THR A 131 -20.46 -1.16 6.71
CA THR A 131 -20.04 -0.87 5.36
C THR A 131 -18.53 -0.88 5.30
N PHE A 132 -17.93 -0.18 6.26
CA PHE A 132 -16.48 -0.08 6.39
C PHE A 132 -15.85 -1.48 6.48
N ASN A 133 -16.48 -2.37 7.24
CA ASN A 133 -15.97 -3.74 7.38
C ASN A 133 -16.51 -4.69 6.35
N GLY A 134 -17.26 -4.18 5.38
CA GLY A 134 -18.02 -5.10 4.54
C GLY A 134 -17.40 -5.48 3.22
N PRO A 135 -17.99 -6.47 2.55
CA PRO A 135 -17.47 -6.99 1.29
C PRO A 135 -17.42 -6.02 0.11
N GLU A 136 -18.38 -5.09 0.02
CA GLU A 136 -18.36 -4.16 -1.12
C GLU A 136 -17.17 -3.24 -1.01
N VAL A 137 -16.96 -2.72 0.19
CA VAL A 137 -15.82 -1.86 0.45
C VAL A 137 -14.50 -2.60 0.26
N GLU A 138 -14.42 -3.83 0.75
CA GLU A 138 -13.19 -4.61 0.62
C GLU A 138 -12.89 -4.84 -0.86
N LYS A 139 -13.93 -5.19 -1.63
CA LYS A 139 -13.80 -5.28 -3.09
C LYS A 139 -13.23 -4.02 -3.74
N ARG A 140 -13.84 -2.87 -3.44
CA ARG A 140 -13.39 -1.58 -3.95
C ARG A 140 -11.99 -1.23 -3.44
N PHE A 141 -11.73 -1.58 -2.19
CA PHE A 141 -10.41 -1.37 -1.59
C PHE A 141 -9.34 -2.18 -2.33
N GLN A 142 -9.62 -3.45 -2.61
CA GLN A 142 -8.71 -4.25 -3.40
C GLN A 142 -8.56 -3.71 -4.83
N ALA A 143 -9.65 -3.23 -5.42
CA ALA A 143 -9.58 -2.69 -6.78
C ALA A 143 -8.69 -1.44 -6.77
N ALA A 144 -8.88 -0.58 -5.77
CA ALA A 144 -8.06 0.63 -5.62
C ALA A 144 -6.59 0.28 -5.40
N ARG A 145 -6.34 -0.72 -4.58
CA ARG A 145 -4.97 -1.17 -4.30
C ARG A 145 -4.33 -1.72 -5.58
N ALA A 146 -5.05 -2.60 -6.28
CA ALA A 146 -4.58 -3.15 -7.54
C ALA A 146 -4.26 -2.06 -8.55
N TYR A 147 -5.11 -1.04 -8.59
CA TYR A 147 -4.93 0.11 -9.49
CA TYR A 147 -4.90 0.06 -9.52
C TYR A 147 -3.64 0.84 -9.16
N ALA A 148 -3.43 1.13 -7.88
CA ALA A 148 -2.18 1.75 -7.45
C ALA A 148 -0.96 0.89 -7.79
N LEU A 149 -1.06 -0.43 -7.62
CA LEU A 149 0.04 -1.33 -7.98
C LEU A 149 0.38 -1.29 -9.48
N LYS A 150 -0.65 -1.20 -10.31
CA LYS A 150 -0.50 -1.08 -11.77
C LYS A 150 0.04 0.30 -12.17
N VAL A 151 -0.58 1.34 -11.62
CA VAL A 151 -0.25 2.71 -11.97
C VAL A 151 1.15 3.10 -11.47
N ARG A 152 1.46 2.69 -10.26
CA ARG A 152 2.77 2.96 -9.61
C ARG A 152 3.00 4.45 -9.40
N PRO A 153 2.07 5.09 -8.69
CA PRO A 153 2.22 6.50 -8.43
C PRO A 153 3.34 6.68 -7.43
N VAL A 154 3.97 7.85 -7.46
CA VAL A 154 4.86 8.28 -6.41
C VAL A 154 4.09 9.46 -5.77
N GLY A 155 3.39 9.16 -4.70
CA GLY A 155 2.71 10.20 -3.95
C GLY A 155 1.38 10.60 -4.57
N THR A 156 0.75 11.57 -3.93
CA THR A 156 -0.57 12.00 -4.29
C THR A 156 -0.58 13.53 -4.17
N PRO A 157 -1.50 14.21 -4.87
CA PRO A 157 -2.43 13.60 -5.81
C PRO A 157 -1.73 13.13 -7.08
N THR A 158 -2.27 12.10 -7.68
CA THR A 158 -1.76 11.63 -8.96
C THR A 158 -2.93 11.49 -9.92
N ILE A 159 -2.81 12.15 -11.05
CA ILE A 159 -3.80 12.07 -12.10
C ILE A 159 -3.37 11.02 -13.13
N VAL A 160 -4.32 10.14 -13.49
CA VAL A 160 -4.11 9.09 -14.46
C VAL A 160 -5.19 9.17 -15.53
N VAL A 161 -4.76 9.28 -16.78
CA VAL A 161 -5.69 9.33 -17.91
C VAL A 161 -5.78 7.98 -18.59
N ASN A 162 -7.00 7.45 -18.64
CA ASN A 162 -7.29 6.17 -19.31
C ASN A 162 -6.43 5.01 -18.83
N GLY A 163 -5.94 5.12 -17.60
CA GLY A 163 -5.09 4.08 -16.99
C GLY A 163 -3.74 3.98 -17.69
N ARG A 164 -3.47 4.93 -18.57
CA ARG A 164 -2.32 4.80 -19.46
C ARG A 164 -1.31 5.91 -19.24
N TYR A 165 -1.77 7.11 -18.89
CA TYR A 165 -0.86 8.23 -18.75
C TYR A 165 -0.96 8.80 -17.37
N MET A 166 0.16 8.80 -16.67
CA MET A 166 0.17 9.30 -15.32
C MET A 166 0.89 10.64 -15.34
N VAL A 167 0.16 11.65 -14.92
CA VAL A 167 0.67 13.02 -14.93
C VAL A 167 1.76 13.14 -13.88
N THR A 168 2.83 13.87 -14.22
CA THR A 168 3.89 14.15 -13.28
C THR A 168 4.11 15.66 -13.36
N GLY A 169 3.13 16.40 -12.83
CA GLY A 169 3.16 17.85 -12.88
C GLY A 169 3.93 18.48 -11.74
N HIS A 170 4.29 19.74 -11.92
CA HIS A 170 5.15 20.49 -11.00
C HIS A 170 4.31 21.18 -9.93
N ASP A 171 3.04 21.43 -10.26
CA ASP A 171 2.12 22.14 -9.39
C ASP A 171 0.71 21.81 -9.85
N PHE A 172 -0.29 22.24 -9.07
CA PHE A 172 -1.68 21.87 -9.38
C PHE A 172 -2.12 22.32 -10.76
N GLU A 173 -1.82 23.58 -11.11
CA GLU A 173 -2.17 24.11 -12.42
C GLU A 173 -1.51 23.36 -13.57
N ASP A 174 -0.22 23.09 -13.43
CA ASP A 174 0.53 22.32 -14.41
C ASP A 174 -0.09 20.93 -14.54
N THR A 175 -0.41 20.34 -13.40
CA THR A 175 -1.01 19.03 -13.39
C THR A 175 -2.30 19.01 -14.23
N LEU A 176 -3.12 20.03 -14.06
CA LEU A 176 -4.40 20.12 -14.78
C LEU A 176 -4.20 20.44 -16.26
N ARG A 177 -3.19 21.27 -16.56
CA ARG A 177 -2.85 21.61 -17.93
C ARG A 177 -2.37 20.36 -18.66
N ILE A 178 -1.57 19.54 -17.99
CA ILE A 178 -1.04 18.33 -18.63
C ILE A 178 -2.19 17.35 -18.82
N THR A 179 -3.07 17.30 -17.83
CA THR A 179 -4.25 16.45 -17.91
C THR A 179 -5.10 16.87 -19.11
N ASP A 180 -5.33 18.17 -19.26
CA ASP A 180 -6.08 18.72 -20.41
C ASP A 180 -5.47 18.26 -21.72
N TYR A 181 -4.15 18.41 -21.84
CA TYR A 181 -3.44 17.96 -23.04
C TYR A 181 -3.69 16.47 -23.32
N LEU A 182 -3.55 15.63 -22.29
CA LEU A 182 -3.71 14.18 -22.43
C LEU A 182 -5.15 13.82 -22.74
N VAL A 183 -6.10 14.50 -22.08
CA VAL A 183 -7.52 14.27 -22.36
C VAL A 183 -7.85 14.67 -23.81
N SER A 184 -7.38 15.83 -24.25
CA SER A 184 -7.61 16.24 -25.63
C SER A 184 -6.98 15.29 -26.63
N ARG A 185 -5.80 14.79 -26.28
CA ARG A 185 -5.08 13.88 -27.15
C ARG A 185 -5.82 12.54 -27.28
N GLU A 186 -6.35 12.03 -26.17
CA GLU A 186 -7.23 10.85 -26.19
C GLU A 186 -8.47 11.10 -27.03
N ARG A 187 -9.05 12.27 -26.87
CA ARG A 187 -10.23 12.63 -27.61
C ARG A 187 -9.92 12.64 -29.13
N ALA A 188 -8.80 13.26 -29.50
CA ALA A 188 -8.41 13.32 -30.89
C ALA A 188 -8.12 11.92 -31.44
N ALA A 189 -7.43 11.11 -30.64
CA ALA A 189 -7.11 9.74 -31.00
C ALA A 189 -8.37 8.91 -31.30
N SER A 190 -9.47 9.24 -30.63
CA SER A 190 -10.76 8.55 -30.84
C SER A 190 -11.36 8.82 -32.22
N HIS A 191 -11.07 9.99 -32.79
CA HIS A 191 -11.50 10.30 -34.16
C HIS A 191 -10.62 9.61 -35.20
N GLY A 192 -9.68 8.79 -34.74
CA GLY A 192 -8.79 8.05 -35.62
C GLY A 192 -7.39 8.55 -35.41
N HIS B 3 17.47 13.37 9.01
CA HIS B 3 16.56 12.21 9.28
C HIS B 3 16.92 10.97 8.45
N LEU B 4 16.62 9.80 9.00
CA LEU B 4 16.72 8.54 8.27
C LEU B 4 15.65 8.57 7.18
N PRO B 5 15.95 8.04 5.99
CA PRO B 5 14.94 7.98 4.93
C PRO B 5 13.77 7.10 5.34
N VAL B 6 12.58 7.50 4.91
CA VAL B 6 11.36 6.79 5.26
C VAL B 6 10.72 6.26 4.00
N VAL B 7 10.41 4.96 3.99
CA VAL B 7 9.76 4.33 2.84
C VAL B 7 8.41 5.02 2.61
N GLY B 8 8.13 5.35 1.36
CA GLY B 8 6.93 6.07 1.02
C GLY B 8 7.12 7.57 1.07
N GLU B 9 8.24 8.03 1.58
CA GLU B 9 8.50 9.48 1.66
C GLU B 9 9.77 9.84 0.89
N ASP B 10 10.87 9.19 1.26
CA ASP B 10 12.17 9.49 0.70
C ASP B 10 12.56 8.52 -0.39
N TYR B 11 11.89 7.38 -0.40
CA TYR B 11 12.14 6.34 -1.40
C TYR B 11 10.92 5.43 -1.42
N VAL B 12 10.82 4.63 -2.47
CA VAL B 12 9.78 3.62 -2.54
C VAL B 12 10.44 2.28 -2.84
N GLU B 13 9.82 1.22 -2.39
CA GLU B 13 10.27 -0.10 -2.72
C GLU B 13 9.69 -0.48 -4.07
N ILE B 14 10.55 -1.03 -4.93
CA ILE B 14 10.13 -1.49 -6.24
C ILE B 14 9.67 -2.94 -6.04
N PRO B 15 8.38 -3.23 -6.32
CA PRO B 15 7.86 -4.59 -6.20
C PRO B 15 8.64 -5.55 -7.11
N ASP B 16 9.06 -6.68 -6.54
CA ASP B 16 9.88 -7.67 -7.24
C ASP B 16 11.09 -7.01 -7.91
N GLY B 17 11.71 -6.09 -7.19
CA GLY B 17 12.86 -5.36 -7.70
C GLY B 17 14.09 -6.23 -7.88
N ARG B 18 14.71 -6.10 -9.06
CA ARG B 18 15.96 -6.78 -9.38
C ARG B 18 16.94 -5.71 -9.78
N PRO B 19 18.20 -5.87 -9.36
CA PRO B 19 19.18 -4.90 -9.79
C PRO B 19 19.38 -5.03 -11.30
N PHE B 20 19.91 -3.98 -11.91
CA PHE B 20 20.15 -3.96 -13.34
C PHE B 20 21.08 -5.07 -13.80
N ALA B 21 22.10 -5.36 -12.98
CA ALA B 21 22.99 -6.49 -13.21
C ALA B 21 23.13 -7.21 -11.87
N PRO B 22 23.49 -8.52 -11.90
CA PRO B 22 23.66 -9.23 -10.64
C PRO B 22 24.60 -8.46 -9.71
N LEU B 23 24.29 -8.45 -8.41
CA LEU B 23 25.03 -7.59 -7.47
C LEU B 23 26.52 -7.95 -7.40
N ALA B 24 26.82 -9.24 -7.48
CA ALA B 24 28.20 -9.74 -7.51
C ALA B 24 29.04 -9.08 -6.43
N GLY B 25 28.51 -9.07 -5.21
CA GLY B 25 29.22 -8.50 -4.07
C GLY B 25 29.18 -6.99 -3.99
N LYS B 26 28.51 -6.33 -4.93
CA LYS B 26 28.43 -4.88 -4.90
C LYS B 26 27.07 -4.41 -4.40
N ILE B 27 27.01 -3.14 -4.02
CA ILE B 27 25.75 -2.43 -3.94
C ILE B 27 25.59 -1.65 -5.24
N GLU B 28 24.51 -1.91 -5.94
CA GLU B 28 24.32 -1.26 -7.23
C GLU B 28 23.54 0.02 -7.03
N VAL B 29 24.03 1.10 -7.61
CA VAL B 29 23.31 2.36 -7.65
C VAL B 29 23.15 2.68 -9.14
N VAL B 30 21.90 2.70 -9.57
CA VAL B 30 21.57 3.06 -10.94
C VAL B 30 21.04 4.49 -10.98
N GLU B 31 21.52 5.26 -11.95
CA GLU B 31 20.81 6.46 -12.32
C GLU B 31 20.15 6.22 -13.66
N ILE B 32 18.83 6.35 -13.71
CA ILE B 32 18.12 6.43 -14.98
C ILE B 32 18.13 7.89 -15.42
N PHE B 33 18.66 8.12 -16.61
CA PHE B 33 18.93 9.47 -17.04
C PHE B 33 18.58 9.53 -18.51
N GLY B 34 18.41 10.75 -19.01
CA GLY B 34 18.35 10.97 -20.44
C GLY B 34 19.16 12.21 -20.76
N TYR B 35 19.90 12.16 -21.86
CA TYR B 35 20.62 13.32 -22.35
C TYR B 35 19.71 14.51 -22.62
N THR B 36 18.48 14.24 -23.05
CA THR B 36 17.52 15.27 -23.40
C THR B 36 16.96 15.95 -22.16
N CYS B 37 17.23 15.35 -21.00
CA CYS B 37 16.59 15.82 -19.79
C CYS B 37 17.43 16.91 -19.14
N PRO B 38 16.85 18.12 -19.00
CA PRO B 38 17.62 19.19 -18.38
C PRO B 38 17.96 18.92 -16.92
N HIS B 39 17.12 18.18 -16.20
CA HIS B 39 17.38 17.85 -14.80
C HIS B 39 18.59 16.95 -14.72
N CYS B 40 18.68 15.99 -15.65
CA CYS B 40 19.84 15.12 -15.74
C CYS B 40 21.12 15.91 -16.03
N ALA B 41 21.04 16.84 -16.99
CA ALA B 41 22.16 17.73 -17.28
C ALA B 41 22.64 18.47 -16.03
N HIS B 42 21.70 19.03 -15.27
CA HIS B 42 22.03 19.83 -14.11
C HIS B 42 22.54 18.97 -12.96
N PHE B 43 22.06 17.73 -12.90
CA PHE B 43 22.43 16.77 -11.86
C PHE B 43 23.79 16.18 -12.10
N ASP B 44 24.22 16.19 -13.37
CA ASP B 44 25.44 15.50 -13.80
C ASP B 44 26.67 15.83 -12.93
N SER B 45 26.90 17.11 -12.67
CA SER B 45 28.06 17.55 -11.89
C SER B 45 28.08 17.00 -10.44
N LYS B 46 26.95 17.14 -9.75
CA LYS B 46 26.78 16.58 -8.41
C LYS B 46 26.95 15.06 -8.43
N LEU B 47 26.31 14.41 -9.40
CA LEU B 47 26.32 12.97 -9.46
C LEU B 47 27.69 12.41 -9.74
N GLN B 48 28.43 13.04 -10.66
CA GLN B 48 29.76 12.55 -10.98
C GLN B 48 30.72 12.71 -9.80
N ALA B 49 30.57 13.80 -9.05
CA ALA B 49 31.32 14.05 -7.80
C ALA B 49 30.97 13.00 -6.73
N TRP B 50 29.68 12.69 -6.62
CA TRP B 50 29.18 11.64 -5.73
C TRP B 50 29.77 10.30 -6.17
N GLY B 51 29.69 10.03 -7.47
CA GLY B 51 30.20 8.80 -8.06
C GLY B 51 31.65 8.58 -7.76
N ALA B 52 32.41 9.67 -7.79
CA ALA B 52 33.85 9.67 -7.59
C ALA B 52 34.24 9.35 -6.14
N ARG B 53 33.39 9.69 -5.18
CA ARG B 53 33.68 9.44 -3.78
C ARG B 53 33.11 8.12 -3.26
N GLN B 54 32.51 7.33 -4.15
CA GLN B 54 31.94 6.05 -3.75
C GLN B 54 32.99 4.98 -3.47
N ALA B 55 32.68 4.13 -2.49
CA ALA B 55 33.54 3.05 -2.09
C ALA B 55 33.61 1.96 -3.14
N LYS B 56 34.52 1.02 -2.91
CA LYS B 56 34.84 -0.03 -3.85
C LYS B 56 33.71 -1.02 -4.06
N ASP B 57 32.80 -1.07 -3.08
CA ASP B 57 31.68 -2.01 -3.11
C ASP B 57 30.43 -1.45 -3.80
N VAL B 58 30.51 -0.22 -4.29
CA VAL B 58 29.41 0.39 -4.99
C VAL B 58 29.62 0.24 -6.49
N ARG B 59 28.65 -0.34 -7.18
CA ARG B 59 28.68 -0.31 -8.61
C ARG B 59 27.70 0.75 -9.04
N PHE B 60 28.23 1.84 -9.57
CA PHE B 60 27.38 2.92 -10.06
C PHE B 60 27.21 2.77 -11.57
N THR B 61 25.96 2.67 -12.00
CA THR B 61 25.58 2.37 -13.38
C THR B 61 24.59 3.39 -13.95
N LEU B 62 24.91 3.95 -15.11
CA LEU B 62 23.96 4.73 -15.87
C LEU B 62 23.09 3.84 -16.74
N VAL B 63 21.78 4.08 -16.68
CA VAL B 63 20.84 3.40 -17.54
C VAL B 63 20.07 4.50 -18.25
N PRO B 64 20.20 4.57 -19.60
CA PRO B 64 19.48 5.62 -20.29
C PRO B 64 17.99 5.33 -20.26
N ALA B 65 17.21 6.39 -20.17
CA ALA B 65 15.77 6.31 -20.16
C ALA B 65 15.25 6.08 -21.58
N VAL B 66 14.55 4.97 -21.75
CA VAL B 66 13.98 4.57 -23.03
C VAL B 66 12.48 4.79 -22.87
N PHE B 67 12.06 6.03 -23.10
CA PHE B 67 10.70 6.47 -22.80
C PHE B 67 9.96 6.74 -24.10
N GLY B 68 10.63 6.53 -25.23
CA GLY B 68 10.01 6.77 -26.53
C GLY B 68 10.30 8.21 -26.91
N GLY B 69 9.76 8.62 -28.04
CA GLY B 69 10.01 9.95 -28.58
C GLY B 69 11.47 10.35 -28.62
N VAL B 70 11.74 11.56 -28.13
CA VAL B 70 13.05 12.19 -28.26
C VAL B 70 14.09 11.46 -27.43
N TRP B 71 13.62 10.69 -26.43
CA TRP B 71 14.51 10.00 -25.53
C TRP B 71 15.27 8.89 -26.22
N ASP B 72 14.65 8.25 -27.20
CA ASP B 72 15.17 6.98 -27.68
C ASP B 72 16.47 7.09 -28.49
N PRO B 73 16.55 8.02 -29.46
CA PRO B 73 17.84 8.26 -30.13
C PRO B 73 18.94 8.54 -29.12
N PHE B 74 18.64 9.26 -28.04
CA PHE B 74 19.67 9.54 -27.06
C PHE B 74 20.06 8.40 -26.14
N ALA B 75 19.11 7.49 -25.89
CA ALA B 75 19.41 6.24 -25.19
C ALA B 75 20.33 5.41 -26.08
N ARG B 76 19.99 5.27 -27.36
CA ARG B 76 20.87 4.58 -28.30
C ARG B 76 22.22 5.24 -28.44
N ALA B 77 22.26 6.57 -28.40
CA ALA B 77 23.53 7.29 -28.46
C ALA B 77 24.43 6.93 -27.26
N TYR B 78 23.87 7.00 -26.06
CA TYR B 78 24.59 6.61 -24.87
C TYR B 78 25.11 5.19 -24.99
N LEU B 79 24.23 4.28 -25.38
CA LEU B 79 24.57 2.86 -25.44
C LEU B 79 25.65 2.60 -26.49
N ALA B 80 25.49 3.22 -27.66
CA ALA B 80 26.49 3.16 -28.72
C ALA B 80 27.81 3.72 -28.19
N ALA B 81 27.79 4.90 -27.57
CA ALA B 81 29.00 5.47 -27.02
C ALA B 81 29.64 4.54 -26.00
N ASP B 82 28.79 3.89 -25.19
CA ASP B 82 29.30 3.04 -24.13
C ASP B 82 29.89 1.77 -24.73
N VAL B 83 29.23 1.21 -25.73
CA VAL B 83 29.75 0.04 -26.46
C VAL B 83 31.12 0.39 -27.02
N LEU B 84 31.24 1.62 -27.49
CA LEU B 84 32.48 2.12 -28.12
C LEU B 84 33.52 2.67 -27.15
N GLY B 85 33.19 2.67 -25.86
CA GLY B 85 34.17 3.00 -24.81
C GLY B 85 34.31 4.49 -24.57
N VAL B 86 33.43 5.29 -25.14
CA VAL B 86 33.56 6.76 -25.06
C VAL B 86 32.40 7.45 -24.34
N ALA B 87 31.47 6.67 -23.80
CA ALA B 87 30.30 7.25 -23.13
C ALA B 87 30.73 8.07 -21.91
N LYS B 88 31.54 7.48 -21.04
CA LYS B 88 31.93 8.16 -19.79
C LYS B 88 32.68 9.45 -20.13
N ARG B 89 33.58 9.41 -21.10
CA ARG B 89 34.38 10.58 -21.49
C ARG B 89 33.54 11.70 -22.08
N SER B 90 32.47 11.34 -22.78
CA SER B 90 31.69 12.31 -23.53
C SER B 90 30.42 12.72 -22.79
N HIS B 91 30.17 12.14 -21.62
CA HIS B 91 28.87 12.24 -20.96
C HIS B 91 28.48 13.70 -20.65
N THR B 92 29.36 14.39 -19.94
CA THR B 92 29.14 15.79 -19.59
C THR B 92 29.06 16.65 -20.86
N ALA B 93 29.97 16.41 -21.81
CA ALA B 93 29.97 17.20 -23.04
C ALA B 93 28.67 17.02 -23.83
N MET B 94 28.09 15.83 -23.79
CA MET B 94 26.79 15.63 -24.48
C MET B 94 25.66 16.44 -23.85
N PHE B 95 25.54 16.37 -22.51
CA PHE B 95 24.61 17.24 -21.77
C PHE B 95 24.83 18.70 -22.16
N GLU B 96 26.08 19.13 -22.19
CA GLU B 96 26.41 20.53 -22.47
C GLU B 96 26.06 20.87 -23.91
N ALA B 97 26.32 19.94 -24.84
CA ALA B 97 26.06 20.19 -26.27
C ALA B 97 24.57 20.39 -26.48
N ILE B 98 23.77 19.61 -25.77
CA ILE B 98 22.32 19.71 -25.88
C ILE B 98 21.78 20.95 -25.15
N HIS B 99 22.16 21.10 -23.90
CA HIS B 99 21.47 22.02 -22.99
C HIS B 99 22.08 23.40 -22.81
N GLU B 100 23.30 23.56 -23.30
CA GLU B 100 24.02 24.81 -23.14
C GLU B 100 24.46 25.37 -24.48
N LYS B 101 25.22 24.57 -25.23
CA LYS B 101 25.76 25.02 -26.52
C LYS B 101 24.72 25.00 -27.63
N GLY B 102 23.72 24.12 -27.50
CA GLY B 102 22.74 23.89 -28.56
C GLY B 102 23.37 23.36 -29.82
N SER B 103 24.51 22.68 -29.69
CA SER B 103 25.25 22.17 -30.84
C SER B 103 24.71 20.80 -31.27
N VAL B 104 23.95 20.18 -30.37
CA VAL B 104 23.30 18.91 -30.64
C VAL B 104 21.81 19.12 -30.41
N PRO B 105 21.00 18.97 -31.47
CA PRO B 105 19.56 19.18 -31.34
C PRO B 105 18.95 17.94 -30.72
N ILE B 106 17.72 18.05 -30.22
CA ILE B 106 17.10 16.87 -29.66
C ILE B 106 15.95 16.32 -30.51
N GLN B 107 15.33 17.19 -31.30
CA GLN B 107 14.23 16.79 -32.19
C GLN B 107 14.80 16.21 -33.48
N ASN B 108 14.30 15.03 -33.87
CA ASN B 108 14.64 14.37 -35.15
C ASN B 108 16.13 14.11 -35.31
N VAL B 109 16.81 13.92 -34.20
CA VAL B 109 18.23 13.68 -34.28
C VAL B 109 18.42 12.22 -34.71
N GLY B 110 19.40 12.01 -35.57
CA GLY B 110 19.71 10.67 -36.05
C GLY B 110 21.15 10.38 -35.75
N PRO B 111 21.57 9.12 -35.95
CA PRO B 111 22.93 8.74 -35.58
C PRO B 111 23.98 9.48 -36.40
N ASP B 112 23.66 9.82 -37.65
CA ASP B 112 24.65 10.55 -38.45
C ASP B 112 25.03 11.88 -37.79
N GLU B 113 24.05 12.62 -37.25
CA GLU B 113 24.34 13.90 -36.62
C GLU B 113 25.16 13.67 -35.34
N LEU B 114 24.73 12.70 -34.57
CA LEU B 114 25.39 12.31 -33.34
C LEU B 114 26.84 11.89 -33.56
N ALA B 115 27.11 11.27 -34.71
CA ALA B 115 28.45 10.79 -35.06
C ALA B 115 29.47 11.93 -35.10
N VAL B 116 29.01 13.11 -35.53
CA VAL B 116 29.84 14.30 -35.56
C VAL B 116 30.33 14.60 -34.15
N PHE B 117 29.42 14.49 -33.19
CA PHE B 117 29.80 14.75 -31.80
C PHE B 117 30.80 13.69 -31.34
N TYR B 118 30.50 12.42 -31.61
CA TYR B 118 31.38 11.33 -31.17
C TYR B 118 32.72 11.29 -31.87
N ALA B 119 32.79 11.84 -33.08
CA ALA B 119 34.07 11.99 -33.80
C ALA B 119 35.13 12.79 -33.02
N GLY B 120 34.70 13.70 -32.14
CA GLY B 120 35.66 14.49 -31.34
C GLY B 120 36.38 13.58 -30.35
N TYR B 121 35.78 12.42 -30.07
CA TYR B 121 36.40 11.41 -29.19
C TYR B 121 37.26 10.39 -29.95
N GLY B 122 37.29 10.52 -31.28
CA GLY B 122 38.12 9.65 -32.11
C GLY B 122 37.34 8.52 -32.78
N VAL B 123 36.03 8.49 -32.53
CA VAL B 123 35.17 7.49 -33.14
C VAL B 123 34.84 7.86 -34.58
N GLN B 124 35.14 6.96 -35.50
CA GLN B 124 34.85 7.22 -36.90
C GLN B 124 33.33 7.25 -37.06
N PRO B 125 32.81 8.29 -37.73
CA PRO B 125 31.35 8.40 -37.92
C PRO B 125 30.68 7.11 -38.39
N ASP B 126 31.23 6.43 -39.38
CA ASP B 126 30.57 5.21 -39.85
C ASP B 126 30.51 4.12 -38.80
N ARG B 127 31.56 4.08 -37.98
CA ARG B 127 31.65 3.15 -36.84
C ARG B 127 30.58 3.49 -35.84
N PHE B 128 30.43 4.77 -35.53
CA PHE B 128 29.40 5.15 -34.59
C PHE B 128 28.01 4.73 -35.06
N VAL B 129 27.70 5.06 -36.32
CA VAL B 129 26.39 4.75 -36.88
C VAL B 129 26.14 3.24 -36.95
N ALA B 130 27.13 2.48 -37.38
CA ALA B 130 27.00 1.03 -37.41
C ALA B 130 26.73 0.47 -35.99
N THR B 131 27.39 1.06 -34.99
CA THR B 131 27.19 0.65 -33.61
C THR B 131 25.78 1.02 -33.13
N PHE B 132 25.42 2.28 -33.34
CA PHE B 132 24.10 2.80 -33.00
C PHE B 132 23.01 1.90 -33.57
N ASN B 133 23.20 1.42 -34.80
CA ASN B 133 22.24 0.56 -35.47
C ASN B 133 22.41 -0.92 -35.22
N GLY B 134 23.44 -1.29 -34.47
CA GLY B 134 23.82 -2.67 -34.33
C GLY B 134 23.06 -3.46 -33.28
N PRO B 135 23.18 -4.80 -33.36
CA PRO B 135 22.55 -5.75 -32.45
C PRO B 135 22.93 -5.56 -30.97
N GLU B 136 24.15 -5.12 -30.68
CA GLU B 136 24.56 -4.95 -29.27
C GLU B 136 23.85 -3.78 -28.62
N VAL B 137 23.79 -2.67 -29.34
CA VAL B 137 23.07 -1.49 -28.86
C VAL B 137 21.59 -1.79 -28.72
N GLU B 138 21.04 -2.54 -29.66
CA GLU B 138 19.64 -2.96 -29.60
C GLU B 138 19.36 -3.85 -28.37
N LYS B 139 20.24 -4.81 -28.14
CA LYS B 139 20.19 -5.63 -26.93
C LYS B 139 20.19 -4.76 -25.67
N ARG B 140 21.16 -3.85 -25.59
CA ARG B 140 21.30 -2.94 -24.46
C ARG B 140 20.11 -2.01 -24.32
N PHE B 141 19.57 -1.56 -25.45
CA PHE B 141 18.40 -0.70 -25.50
C PHE B 141 17.19 -1.41 -24.88
N GLN B 142 16.95 -2.63 -25.31
CA GLN B 142 15.86 -3.45 -24.77
C GLN B 142 16.01 -3.69 -23.27
N ALA B 143 17.25 -3.94 -22.86
CA ALA B 143 17.55 -4.16 -21.45
C ALA B 143 17.29 -2.89 -20.65
N ALA B 144 17.68 -1.74 -21.20
CA ALA B 144 17.40 -0.46 -20.56
C ALA B 144 15.88 -0.23 -20.47
N ARG B 145 15.20 -0.47 -21.60
CA ARG B 145 13.73 -0.37 -21.66
C ARG B 145 13.11 -1.29 -20.58
N ALA B 146 13.52 -2.55 -20.54
CA ALA B 146 13.00 -3.51 -19.57
C ALA B 146 13.19 -3.04 -18.13
N TYR B 147 14.34 -2.44 -17.89
CA TYR B 147 14.64 -1.92 -16.58
C TYR B 147 13.72 -0.79 -16.17
N ALA B 148 13.50 0.15 -17.08
CA ALA B 148 12.56 1.24 -16.83
C ALA B 148 11.16 0.68 -16.54
N LEU B 149 10.80 -0.39 -17.26
CA LEU B 149 9.50 -1.03 -17.05
C LEU B 149 9.35 -1.64 -15.66
N LYS B 150 10.45 -2.19 -15.13
CA LYS B 150 10.44 -2.76 -13.80
C LYS B 150 10.43 -1.64 -12.75
N VAL B 151 11.27 -0.63 -12.96
CA VAL B 151 11.51 0.40 -11.93
C VAL B 151 10.33 1.37 -11.88
N ARG B 152 9.79 1.66 -13.05
CA ARG B 152 8.71 2.63 -13.21
C ARG B 152 9.10 4.01 -12.66
N PRO B 153 10.18 4.61 -13.20
CA PRO B 153 10.54 5.97 -12.79
C PRO B 153 9.43 6.94 -13.23
N VAL B 154 9.26 8.02 -12.48
CA VAL B 154 8.23 9.00 -12.82
C VAL B 154 8.90 10.19 -13.49
N GLY B 155 10.19 10.09 -13.66
CA GLY B 155 10.96 11.13 -14.31
C GLY B 155 12.42 10.78 -14.25
N THR B 156 13.25 11.72 -14.65
CA THR B 156 14.72 11.57 -14.56
C THR B 156 15.30 12.88 -13.98
N PRO B 157 16.43 12.80 -13.27
CA PRO B 157 17.16 11.58 -12.95
C PRO B 157 16.38 10.75 -11.93
N THR B 158 16.52 9.44 -12.01
CA THR B 158 16.01 8.56 -10.97
C THR B 158 17.13 7.64 -10.52
N ILE B 159 17.33 7.63 -9.22
CA ILE B 159 18.30 6.75 -8.58
C ILE B 159 17.61 5.52 -8.01
N VAL B 160 18.16 4.36 -8.35
CA VAL B 160 17.66 3.10 -7.81
C VAL B 160 18.81 2.38 -7.11
N VAL B 161 18.56 1.91 -5.89
CA VAL B 161 19.56 1.18 -5.14
C VAL B 161 19.22 -0.30 -5.11
N ASN B 162 20.17 -1.11 -5.60
CA ASN B 162 20.08 -2.57 -5.60
C ASN B 162 18.83 -3.09 -6.30
N GLY B 163 18.33 -2.30 -7.25
CA GLY B 163 17.07 -2.55 -7.97
C GLY B 163 15.83 -2.62 -7.09
N ARG B 164 15.99 -2.24 -5.83
CA ARG B 164 14.94 -2.45 -4.84
C ARG B 164 14.33 -1.13 -4.41
N TYR B 165 15.15 -0.08 -4.36
CA TYR B 165 14.69 1.19 -3.79
C TYR B 165 14.85 2.30 -4.78
N MET B 166 13.73 2.94 -5.10
CA MET B 166 13.77 4.04 -6.01
C MET B 166 13.71 5.29 -5.17
N VAL B 167 14.69 6.16 -5.36
CA VAL B 167 14.75 7.36 -4.55
C VAL B 167 13.67 8.34 -5.01
N THR B 168 13.02 8.95 -4.03
CA THR B 168 12.02 9.97 -4.30
C THR B 168 12.40 11.21 -3.48
N GLY B 169 13.54 11.80 -3.82
CA GLY B 169 14.09 12.94 -3.09
C GLY B 169 13.42 14.25 -3.47
N HIS B 170 13.71 15.30 -2.70
CA HIS B 170 13.09 16.61 -2.89
C HIS B 170 13.91 17.46 -3.86
N ASP B 171 15.21 17.15 -3.94
CA ASP B 171 16.17 17.91 -4.75
C ASP B 171 17.41 17.03 -4.95
N PHE B 172 18.38 17.48 -5.73
CA PHE B 172 19.57 16.67 -6.05
C PHE B 172 20.36 16.23 -4.79
N GLU B 173 20.65 17.20 -3.92
CA GLU B 173 21.35 16.96 -2.65
C GLU B 173 20.63 15.94 -1.78
N ASP B 174 19.33 16.14 -1.62
CA ASP B 174 18.48 15.22 -0.88
C ASP B 174 18.52 13.82 -1.51
N THR B 175 18.39 13.77 -2.84
CA THR B 175 18.44 12.52 -3.57
C THR B 175 19.74 11.74 -3.28
N LEU B 176 20.87 12.45 -3.25
CA LEU B 176 22.16 11.82 -2.99
C LEU B 176 22.31 11.40 -1.54
N ARG B 177 21.78 12.22 -0.64
CA ARG B 177 21.78 11.92 0.80
C ARG B 177 20.95 10.67 1.07
N ILE B 178 19.74 10.62 0.51
CA ILE B 178 18.90 9.42 0.58
C ILE B 178 19.59 8.18 0.02
N THR B 179 20.23 8.31 -1.13
CA THR B 179 21.02 7.24 -1.76
C THR B 179 22.10 6.72 -0.80
N ASP B 180 22.80 7.66 -0.17
CA ASP B 180 23.87 7.33 0.77
C ASP B 180 23.35 6.52 1.94
N TYR B 181 22.19 6.91 2.44
CA TYR B 181 21.58 6.23 3.55
C TYR B 181 21.11 4.83 3.16
N LEU B 182 20.54 4.69 1.96
CA LEU B 182 20.13 3.38 1.48
C LEU B 182 21.31 2.44 1.23
N VAL B 183 22.37 2.97 0.62
CA VAL B 183 23.60 2.20 0.45
C VAL B 183 24.19 1.80 1.80
N SER B 184 24.16 2.71 2.76
CA SER B 184 24.68 2.43 4.12
C SER B 184 23.84 1.35 4.80
N ARG B 185 22.52 1.45 4.67
CA ARG B 185 21.63 0.40 5.15
C ARG B 185 21.92 -0.95 4.47
N GLU B 186 22.08 -0.92 3.15
CA GLU B 186 22.43 -2.12 2.37
C GLU B 186 23.71 -2.77 2.90
N ARG B 187 24.76 -1.97 3.10
CA ARG B 187 25.96 -2.46 3.78
C ARG B 187 25.69 -3.11 5.12
N ALA B 188 24.85 -2.47 5.94
CA ALA B 188 24.59 -2.95 7.30
C ALA B 188 23.84 -4.30 7.32
N ALA B 189 22.93 -4.48 6.35
CA ALA B 189 22.11 -5.69 6.25
C ALA B 189 22.93 -6.93 5.89
N ASN C 2 -13.36 -34.68 5.92
CA ASN C 2 -14.42 -35.70 5.63
CA ASN C 2 -14.35 -35.71 5.54
C ASN C 2 -15.48 -35.26 4.62
N HIS C 3 -16.12 -34.10 4.85
CA HIS C 3 -17.16 -33.59 3.92
C HIS C 3 -17.17 -32.07 3.85
N LEU C 4 -17.62 -31.50 2.74
CA LEU C 4 -17.71 -30.03 2.67
C LEU C 4 -18.71 -29.58 3.74
N PRO C 5 -18.44 -28.46 4.43
CA PRO C 5 -19.34 -27.98 5.48
C PRO C 5 -20.75 -27.75 4.91
N VAL C 6 -21.76 -28.16 5.67
CA VAL C 6 -23.13 -28.07 5.23
C VAL C 6 -23.82 -27.03 6.12
N VAL C 7 -24.50 -26.07 5.50
CA VAL C 7 -25.20 -25.04 6.26
C VAL C 7 -26.22 -25.73 7.14
N GLY C 8 -26.34 -25.25 8.37
CA GLY C 8 -27.30 -25.80 9.32
C GLY C 8 -26.80 -27.06 10.01
N GLU C 9 -25.62 -27.55 9.59
CA GLU C 9 -24.97 -28.68 10.24
C GLU C 9 -23.58 -28.30 10.73
N ASP C 10 -22.73 -27.84 9.82
CA ASP C 10 -21.34 -27.54 10.13
C ASP C 10 -21.09 -26.07 10.36
N TYR C 11 -21.95 -25.27 9.75
CA TYR C 11 -21.89 -23.83 9.98
C TYR C 11 -23.23 -23.24 9.65
N VAL C 12 -23.37 -21.98 10.03
CA VAL C 12 -24.53 -21.21 9.61
C VAL C 12 -23.99 -19.82 9.26
N GLU C 13 -24.60 -19.21 8.26
CA GLU C 13 -24.17 -17.87 7.90
C GLU C 13 -24.88 -16.88 8.77
N ILE C 14 -24.18 -15.76 8.95
CA ILE C 14 -24.64 -14.63 9.70
C ILE C 14 -25.19 -13.64 8.69
N PRO C 15 -26.50 -13.41 8.70
CA PRO C 15 -27.09 -12.48 7.73
C PRO C 15 -26.36 -11.15 7.83
N ASP C 16 -25.85 -10.68 6.70
CA ASP C 16 -25.07 -9.42 6.65
C ASP C 16 -23.89 -9.42 7.62
N GLY C 17 -23.36 -10.62 7.89
CA GLY C 17 -22.24 -10.77 8.81
C GLY C 17 -21.08 -9.93 8.31
N ARG C 18 -20.35 -9.35 9.25
CA ARG C 18 -19.18 -8.56 8.91
C ARG C 18 -18.01 -9.06 9.73
N PRO C 19 -16.82 -9.05 9.14
CA PRO C 19 -15.67 -9.42 9.92
C PRO C 19 -15.44 -8.41 11.06
N PHE C 20 -14.70 -8.86 12.06
CA PHE C 20 -14.40 -8.01 13.20
C PHE C 20 -13.55 -6.79 12.82
N ALA C 21 -12.70 -6.97 11.81
CA ALA C 21 -11.92 -5.89 11.21
C ALA C 21 -11.97 -6.07 9.71
N PRO C 22 -11.76 -4.99 8.94
CA PRO C 22 -11.82 -5.18 7.48
C PRO C 22 -10.85 -6.32 7.07
N LEU C 23 -11.24 -7.07 6.05
CA LEU C 23 -10.43 -8.21 5.63
C LEU C 23 -9.04 -7.75 5.22
N ALA C 24 -8.94 -6.64 4.49
CA ALA C 24 -7.65 -6.11 4.05
C ALA C 24 -6.79 -7.24 3.43
N GLY C 25 -7.41 -7.99 2.53
CA GLY C 25 -6.73 -9.04 1.77
C GLY C 25 -6.52 -10.35 2.52
N LYS C 26 -7.03 -10.43 3.74
CA LYS C 26 -6.91 -11.62 4.57
C LYS C 26 -8.22 -12.37 4.67
N ILE C 27 -8.13 -13.59 5.13
CA ILE C 27 -9.29 -14.34 5.54
C ILE C 27 -9.31 -14.24 7.05
N GLU C 28 -10.34 -13.63 7.61
CA GLU C 28 -10.37 -13.50 9.06
C GLU C 28 -11.01 -14.72 9.71
N VAL C 29 -10.34 -15.23 10.74
CA VAL C 29 -10.90 -16.29 11.55
C VAL C 29 -10.89 -15.74 12.95
N VAL C 30 -12.09 -15.59 13.49
CA VAL C 30 -12.25 -15.12 14.85
C VAL C 30 -12.59 -16.29 15.74
N GLU C 31 -11.96 -16.34 16.91
CA GLU C 31 -12.49 -17.17 17.98
C GLU C 31 -13.09 -16.23 19.01
N ILE C 32 -14.39 -16.39 19.24
CA ILE C 32 -15.01 -15.73 20.38
C ILE C 32 -14.81 -16.71 21.52
N PHE C 33 -14.16 -16.23 22.58
CA PHE C 33 -13.73 -17.11 23.67
C PHE C 33 -13.99 -16.37 24.96
N GLY C 34 -14.03 -17.12 26.07
CA GLY C 34 -13.91 -16.51 27.39
C GLY C 34 -12.90 -17.28 28.20
N TYR C 35 -12.02 -16.56 28.90
CA TYR C 35 -11.18 -17.20 29.92
C TYR C 35 -11.94 -18.07 30.92
N THR C 36 -13.16 -17.68 31.25
CA THR C 36 -13.97 -18.41 32.22
C THR C 36 -14.57 -19.69 31.64
N CYS C 37 -14.46 -19.86 30.33
CA CYS C 37 -15.05 -21.00 29.66
C CYS C 37 -14.10 -22.19 29.61
N PRO C 38 -14.48 -23.32 30.25
CA PRO C 38 -13.61 -24.49 30.28
C PRO C 38 -13.43 -25.15 28.91
N HIS C 39 -14.38 -24.94 28.01
CA HIS C 39 -14.29 -25.45 26.65
C HIS C 39 -13.25 -24.65 25.87
N CYS C 40 -13.23 -23.34 26.09
CA CYS C 40 -12.21 -22.46 25.54
C CYS C 40 -10.83 -22.85 26.06
N ALA C 41 -10.74 -23.15 27.35
CA ALA C 41 -9.53 -23.67 27.95
C ALA C 41 -9.04 -24.95 27.28
N HIS C 42 -9.97 -25.88 27.06
CA HIS C 42 -9.65 -27.17 26.45
C HIS C 42 -9.31 -27.05 24.99
N PHE C 43 -9.94 -26.08 24.32
CA PHE C 43 -9.75 -25.86 22.89
C PHE C 43 -8.42 -25.17 22.58
N ASP C 44 -7.91 -24.40 23.55
CA ASP C 44 -6.79 -23.46 23.36
C ASP C 44 -5.58 -24.11 22.67
N SER C 45 -5.18 -25.29 23.15
CA SER C 45 -4.00 -25.99 22.64
C SER C 45 -4.11 -26.28 21.15
N LYS C 46 -5.23 -26.90 20.78
CA LYS C 46 -5.48 -27.26 19.40
C LYS C 46 -5.66 -26.01 18.56
N LEU C 47 -6.31 -24.99 19.11
CA LEU C 47 -6.53 -23.78 18.37
C LEU C 47 -5.23 -23.05 18.07
N GLN C 48 -4.35 -22.96 19.07
CA GLN C 48 -3.06 -22.31 18.87
C GLN C 48 -2.19 -23.10 17.89
N ALA C 49 -2.27 -24.43 17.96
CA ALA C 49 -1.52 -25.27 17.03
C ALA C 49 -2.03 -25.00 15.62
N TRP C 50 -3.35 -24.99 15.47
CA TRP C 50 -4.01 -24.56 14.23
C TRP C 50 -3.52 -23.19 13.76
N GLY C 51 -3.59 -22.21 14.66
CA GLY C 51 -3.20 -20.85 14.37
C GLY C 51 -1.77 -20.78 13.83
N ALA C 52 -0.87 -21.56 14.42
CA ALA C 52 0.55 -21.51 14.03
C ALA C 52 0.83 -22.09 12.64
N ARG C 53 -0.05 -22.93 12.13
CA ARG C 53 0.19 -23.49 10.82
C ARG C 53 -0.56 -22.75 9.69
N GLN C 54 -1.26 -21.67 10.01
CA GLN C 54 -1.98 -20.91 8.99
C GLN C 54 -1.05 -20.09 8.12
N ALA C 55 -1.42 -19.96 6.85
CA ALA C 55 -0.65 -19.15 5.92
C ALA C 55 -0.79 -17.68 6.30
N LYS C 56 0.07 -16.84 5.74
CA LYS C 56 0.11 -15.42 6.09
C LYS C 56 -1.18 -14.65 5.72
N ASP C 57 -2.02 -15.26 4.88
CA ASP C 57 -3.24 -14.58 4.44
C ASP C 57 -4.41 -14.82 5.39
N VAL C 58 -4.18 -15.59 6.44
CA VAL C 58 -5.17 -15.81 7.47
C VAL C 58 -4.92 -14.86 8.63
N ARG C 59 -5.93 -14.11 9.03
CA ARG C 59 -5.79 -13.29 10.20
C ARG C 59 -6.62 -13.92 11.30
N PHE C 60 -5.92 -14.50 12.26
CA PHE C 60 -6.61 -15.17 13.36
C PHE C 60 -6.71 -14.22 14.54
N THR C 61 -7.94 -13.98 14.96
CA THR C 61 -8.21 -12.93 15.93
C THR C 61 -9.02 -13.49 17.06
N LEU C 62 -8.53 -13.26 18.27
CA LEU C 62 -9.30 -13.58 19.47
C LEU C 62 -10.22 -12.44 19.83
N VAL C 63 -11.48 -12.76 20.07
CA VAL C 63 -12.43 -11.76 20.49
C VAL C 63 -12.98 -12.26 21.83
N PRO C 64 -12.73 -11.54 22.94
CA PRO C 64 -13.25 -12.00 24.22
C PRO C 64 -14.78 -11.86 24.26
N ALA C 65 -15.44 -12.88 24.79
CA ALA C 65 -16.90 -12.86 24.90
C ALA C 65 -17.38 -11.90 26.02
N VAL C 66 -18.09 -10.84 25.63
CA VAL C 66 -18.66 -9.89 26.57
C VAL C 66 -20.11 -10.32 26.77
N PHE C 67 -20.30 -11.28 27.66
CA PHE C 67 -21.62 -11.91 27.85
C PHE C 67 -22.22 -11.52 29.19
N GLY C 68 -21.63 -10.49 29.83
CA GLY C 68 -22.05 -10.05 31.15
C GLY C 68 -21.56 -10.98 32.24
N GLY C 69 -21.95 -10.68 33.48
CA GLY C 69 -21.54 -11.47 34.63
C GLY C 69 -20.04 -11.68 34.72
N VAL C 70 -19.66 -12.93 34.98
CA VAL C 70 -18.26 -13.31 35.15
C VAL C 70 -17.39 -13.04 33.92
N TRP C 71 -18.02 -13.06 32.74
CA TRP C 71 -17.31 -12.90 31.47
C TRP C 71 -16.64 -11.53 31.31
N ASP C 72 -17.29 -10.47 31.78
CA ASP C 72 -16.82 -9.09 31.44
C ASP C 72 -15.45 -8.74 32.03
N PRO C 73 -15.22 -8.99 33.34
CA PRO C 73 -13.89 -8.73 33.87
C PRO C 73 -12.80 -9.51 33.13
N PHE C 74 -13.12 -10.70 32.65
CA PHE C 74 -12.14 -11.49 31.91
C PHE C 74 -11.98 -11.04 30.48
N ALA C 75 -13.03 -10.44 29.93
CA ALA C 75 -12.90 -9.79 28.63
C ALA C 75 -11.93 -8.63 28.77
N ARG C 76 -12.17 -7.77 29.77
CA ARG C 76 -11.29 -6.64 30.04
C ARG C 76 -9.88 -7.11 30.35
N ALA C 77 -9.77 -8.22 31.08
CA ALA C 77 -8.46 -8.74 31.45
C ALA C 77 -7.70 -9.09 30.17
N TYR C 78 -8.35 -9.88 29.29
CA TYR C 78 -7.76 -10.21 28.00
C TYR C 78 -7.32 -8.96 27.23
N LEU C 79 -8.23 -8.01 27.10
CA LEU C 79 -7.99 -6.78 26.33
C LEU C 79 -6.87 -5.93 26.94
N ALA C 80 -6.87 -5.80 28.27
CA ALA C 80 -5.79 -5.09 28.94
C ALA C 80 -4.43 -5.76 28.67
N ALA C 81 -4.40 -7.09 28.81
CA ALA C 81 -3.20 -7.89 28.54
C ALA C 81 -2.75 -7.70 27.11
N ASP C 82 -3.72 -7.69 26.20
CA ASP C 82 -3.39 -7.52 24.80
C ASP C 82 -2.81 -6.13 24.56
N VAL C 83 -3.43 -5.11 25.18
CA VAL C 83 -2.92 -3.73 25.11
C VAL C 83 -1.49 -3.61 25.64
N LEU C 84 -1.21 -4.36 26.70
CA LEU C 84 0.10 -4.33 27.35
C LEU C 84 1.09 -5.33 26.77
N GLY C 85 0.66 -6.02 25.71
CA GLY C 85 1.46 -6.98 24.96
C GLY C 85 1.78 -8.29 25.68
N VAL C 86 0.98 -8.65 26.70
CA VAL C 86 1.25 -9.88 27.46
C VAL C 86 0.15 -10.93 27.34
N ALA C 87 -0.84 -10.66 26.48
CA ALA C 87 -1.93 -11.61 26.29
C ALA C 87 -1.46 -12.95 25.70
N LYS C 88 -0.71 -12.88 24.60
CA LYS C 88 -0.21 -14.10 23.96
C LYS C 88 0.60 -14.96 24.92
N ARG C 89 1.49 -14.33 25.66
CA ARG C 89 2.39 -15.08 26.52
C ARG C 89 1.69 -15.66 27.72
N SER C 90 0.54 -15.10 28.09
CA SER C 90 -0.15 -15.47 29.34
C SER C 90 -1.48 -16.19 29.10
N HIS C 91 -1.85 -16.35 27.84
CA HIS C 91 -3.17 -16.83 27.45
C HIS C 91 -3.44 -18.21 28.00
N THR C 92 -2.53 -19.15 27.74
CA THR C 92 -2.66 -20.51 28.24
C THR C 92 -2.64 -20.53 29.77
N ALA C 93 -1.69 -19.80 30.34
CA ALA C 93 -1.58 -19.72 31.79
C ALA C 93 -2.85 -19.19 32.46
N MET C 94 -3.51 -18.22 31.84
CA MET C 94 -4.77 -17.73 32.37
C MET C 94 -5.86 -18.81 32.38
N PHE C 95 -6.02 -19.53 31.26
CA PHE C 95 -6.93 -20.68 31.24
C PHE C 95 -6.59 -21.69 32.33
N GLU C 96 -5.30 -22.03 32.41
CA GLU C 96 -4.82 -22.94 33.43
C GLU C 96 -5.08 -22.38 34.82
N ALA C 97 -4.91 -21.07 35.00
CA ALA C 97 -5.06 -20.47 36.33
C ALA C 97 -6.49 -20.65 36.79
N ILE C 98 -7.41 -20.45 35.86
CA ILE C 98 -8.83 -20.51 36.18
C ILE C 98 -9.33 -21.95 36.30
N HIS C 99 -8.94 -22.79 35.35
CA HIS C 99 -9.59 -24.09 35.19
C HIS C 99 -8.84 -25.28 35.74
N GLU C 100 -7.55 -25.12 35.98
CA GLU C 100 -6.74 -26.21 36.50
C GLU C 100 -6.23 -25.89 37.90
N LYS C 101 -5.54 -24.77 38.02
CA LYS C 101 -4.89 -24.38 39.27
C LYS C 101 -5.88 -23.83 40.27
N GLY C 102 -6.86 -23.08 39.77
CA GLY C 102 -7.78 -22.34 40.63
C GLY C 102 -7.06 -21.17 41.31
N SER C 103 -6.04 -20.64 40.65
CA SER C 103 -5.23 -19.56 41.19
C SER C 103 -5.86 -18.20 40.90
N VAL C 104 -6.80 -18.21 39.95
CA VAL C 104 -7.56 -17.02 39.57
C VAL C 104 -9.04 -17.41 39.66
N PRO C 105 -9.80 -16.75 40.55
CA PRO C 105 -11.22 -17.04 40.75
C PRO C 105 -12.05 -16.46 39.61
N ILE C 106 -13.18 -17.07 39.29
CA ILE C 106 -14.04 -16.48 38.26
C ILE C 106 -15.04 -15.48 38.85
N GLN C 107 -15.44 -15.70 40.10
CA GLN C 107 -16.48 -14.89 40.71
C GLN C 107 -15.90 -13.67 41.37
N ASN C 108 -16.58 -12.53 41.18
CA ASN C 108 -16.25 -11.28 41.86
C ASN C 108 -14.76 -10.94 41.75
N VAL C 109 -14.18 -11.22 40.59
CA VAL C 109 -12.81 -10.86 40.32
C VAL C 109 -12.75 -9.38 39.89
N GLY C 110 -11.74 -8.67 40.39
CA GLY C 110 -11.49 -7.28 40.02
C GLY C 110 -10.09 -7.14 39.47
N PRO C 111 -9.77 -5.95 38.91
CA PRO C 111 -8.46 -5.71 38.27
C PRO C 111 -7.27 -5.84 39.23
N ASP C 112 -7.47 -5.52 40.51
CA ASP C 112 -6.39 -5.66 41.49
C ASP C 112 -5.95 -7.11 41.64
N GLU C 113 -6.92 -8.02 41.73
CA GLU C 113 -6.59 -9.44 41.80
C GLU C 113 -5.97 -9.93 40.50
N LEU C 114 -6.56 -9.56 39.36
CA LEU C 114 -6.00 -9.87 38.06
C LEU C 114 -4.58 -9.33 37.91
N ALA C 115 -4.32 -8.15 38.47
CA ALA C 115 -3.00 -7.53 38.39
C ALA C 115 -1.94 -8.49 38.94
N VAL C 116 -2.31 -9.26 39.95
CA VAL C 116 -1.37 -10.22 40.59
C VAL C 116 -0.93 -11.27 39.57
N PHE C 117 -1.90 -11.79 38.82
CA PHE C 117 -1.61 -12.71 37.73
C PHE C 117 -0.63 -12.11 36.73
N TYR C 118 -0.94 -10.91 36.24
CA TYR C 118 -0.12 -10.23 35.23
C TYR C 118 1.22 -9.70 35.73
N ALA C 119 1.29 -9.48 37.04
CA ALA C 119 2.55 -9.11 37.71
C ALA C 119 3.58 -10.20 37.50
N GLY C 120 3.11 -11.45 37.43
CA GLY C 120 3.98 -12.57 37.08
C GLY C 120 4.72 -12.38 35.77
N TYR C 121 4.13 -11.60 34.86
CA TYR C 121 4.67 -11.34 33.51
C TYR C 121 5.46 -10.04 33.44
N GLY C 122 5.64 -9.40 34.59
CA GLY C 122 6.42 -8.17 34.68
C GLY C 122 5.58 -6.92 34.49
N VAL C 123 4.26 -7.09 34.51
CA VAL C 123 3.35 -5.96 34.40
C VAL C 123 3.13 -5.31 35.76
N GLN C 124 3.44 -4.02 35.86
CA GLN C 124 3.21 -3.29 37.10
C GLN C 124 1.72 -3.26 37.39
N PRO C 125 1.31 -3.63 38.62
CA PRO C 125 -0.12 -3.70 38.91
C PRO C 125 -0.83 -2.39 38.58
N ASP C 126 -0.20 -1.28 38.99
CA ASP C 126 -0.60 0.09 38.70
C ASP C 126 -0.95 0.28 37.21
N ARG C 127 -0.04 -0.15 36.34
CA ARG C 127 -0.26 -0.06 34.92
C ARG C 127 -1.38 -1.00 34.50
N PHE C 128 -1.42 -2.20 35.08
CA PHE C 128 -2.48 -3.12 34.73
C PHE C 128 -3.87 -2.56 35.01
N VAL C 129 -4.06 -2.04 36.22
CA VAL C 129 -5.35 -1.53 36.65
C VAL C 129 -5.75 -0.33 35.79
N ALA C 130 -4.81 0.60 35.60
CA ALA C 130 -5.04 1.77 34.76
C ALA C 130 -5.51 1.36 33.36
N THR C 131 -4.83 0.36 32.78
CA THR C 131 -5.17 -0.16 31.47
C THR C 131 -6.56 -0.79 31.48
N PHE C 132 -6.78 -1.72 32.42
CA PHE C 132 -8.06 -2.43 32.60
C PHE C 132 -9.24 -1.45 32.68
N ASN C 133 -9.07 -0.40 33.48
CA ASN C 133 -10.09 0.63 33.67
C ASN C 133 -10.04 1.73 32.60
N GLY C 134 -9.14 1.60 31.64
CA GLY C 134 -8.81 2.71 30.73
C GLY C 134 -9.70 2.78 29.51
N PRO C 135 -9.70 3.94 28.82
CA PRO C 135 -10.50 4.17 27.61
C PRO C 135 -10.20 3.23 26.45
N GLU C 136 -8.94 2.83 26.28
CA GLU C 136 -8.59 1.92 25.19
C GLU C 136 -9.26 0.56 25.38
N VAL C 137 -9.13 0.00 26.58
CA VAL C 137 -9.77 -1.28 26.88
C VAL C 137 -11.30 -1.20 26.69
N GLU C 138 -11.89 -0.10 27.16
CA GLU C 138 -13.32 0.13 27.03
C GLU C 138 -13.69 0.17 25.55
N LYS C 139 -12.87 0.82 24.75
CA LYS C 139 -13.07 0.85 23.31
C LYS C 139 -13.09 -0.56 22.76
N ARG C 140 -12.07 -1.34 23.09
CA ARG C 140 -11.97 -2.71 22.59
C ARG C 140 -13.08 -3.58 23.13
N PHE C 141 -13.49 -3.28 24.37
CA PHE C 141 -14.49 -4.04 25.08
C PHE C 141 -15.82 -3.83 24.36
N GLN C 142 -16.13 -2.58 24.05
CA GLN C 142 -17.35 -2.26 23.30
C GLN C 142 -17.35 -2.86 21.90
N ALA C 143 -16.21 -2.82 21.22
CA ALA C 143 -16.06 -3.49 19.92
C ALA C 143 -16.32 -4.99 20.03
N ALA C 144 -15.76 -5.62 21.08
CA ALA C 144 -15.92 -7.06 21.23
C ALA C 144 -17.39 -7.39 21.48
N ARG C 145 -18.02 -6.56 22.32
CA ARG C 145 -19.44 -6.69 22.63
C ARG C 145 -20.29 -6.52 21.37
N ALA C 146 -20.04 -5.45 20.60
CA ALA C 146 -20.74 -5.21 19.32
C ALA C 146 -20.67 -6.40 18.37
N TYR C 147 -19.47 -7.00 18.28
CA TYR C 147 -19.25 -8.11 17.39
CA TYR C 147 -19.23 -8.12 17.39
C TYR C 147 -20.08 -9.31 17.82
N ALA C 148 -20.08 -9.60 19.12
CA ALA C 148 -20.85 -10.68 19.71
C ALA C 148 -22.34 -10.47 19.47
N LEU C 149 -22.79 -9.22 19.60
CA LEU C 149 -24.19 -8.89 19.35
C LEU C 149 -24.58 -9.18 17.92
N LYS C 150 -23.66 -8.89 17.00
CA LYS C 150 -23.90 -9.09 15.59
C LYS C 150 -23.86 -10.59 15.29
N VAL C 151 -22.86 -11.29 15.80
CA VAL C 151 -22.67 -12.71 15.51
C VAL C 151 -23.76 -13.55 16.15
N ARG C 152 -24.21 -13.12 17.33
CA ARG C 152 -25.08 -13.90 18.21
C ARG C 152 -24.55 -15.33 18.45
N PRO C 153 -23.35 -15.46 19.03
CA PRO C 153 -22.94 -16.82 19.35
C PRO C 153 -23.85 -17.34 20.44
N VAL C 154 -23.97 -18.66 20.52
CA VAL C 154 -24.82 -19.26 21.55
C VAL C 154 -23.93 -19.78 22.68
N GLY C 155 -22.62 -19.57 22.51
CA GLY C 155 -21.66 -19.91 23.55
C GLY C 155 -20.24 -19.74 23.05
N THR C 156 -19.31 -20.33 23.79
CA THR C 156 -17.91 -20.25 23.44
C THR C 156 -17.35 -21.67 23.57
N PRO C 157 -16.27 -21.99 22.84
CA PRO C 157 -15.64 -21.14 21.82
C PRO C 157 -16.51 -21.09 20.57
N THR C 158 -16.48 -19.97 19.86
CA THR C 158 -17.21 -19.89 18.59
C THR C 158 -16.23 -19.37 17.56
N ILE C 159 -16.09 -20.11 16.49
CA ILE C 159 -15.27 -19.67 15.36
C ILE C 159 -16.14 -19.03 14.31
N VAL C 160 -15.74 -17.84 13.85
CA VAL C 160 -16.42 -17.13 12.79
C VAL C 160 -15.42 -16.83 11.70
N VAL C 161 -15.78 -17.19 10.48
CA VAL C 161 -14.88 -16.99 9.36
C VAL C 161 -15.42 -15.84 8.50
N ASN C 162 -14.58 -14.82 8.31
CA ASN C 162 -14.86 -13.63 7.51
C ASN C 162 -16.11 -12.92 7.97
N GLY C 163 -16.43 -13.06 9.26
CA GLY C 163 -17.62 -12.48 9.87
C GLY C 163 -18.92 -13.06 9.32
N ARG C 164 -18.82 -14.07 8.48
CA ARG C 164 -20.03 -14.55 7.82
C ARG C 164 -20.40 -15.97 8.14
N TYR C 165 -19.42 -16.84 8.37
CA TYR C 165 -19.72 -18.24 8.62
C TYR C 165 -19.45 -18.53 10.04
N MET C 166 -20.50 -18.82 10.78
CA MET C 166 -20.32 -19.25 12.14
C MET C 166 -20.20 -20.76 12.18
N VAL C 167 -19.05 -21.23 12.62
CA VAL C 167 -18.82 -22.67 12.71
C VAL C 167 -19.70 -23.30 13.78
N THR C 168 -20.33 -24.42 13.43
CA THR C 168 -21.04 -25.20 14.42
C THR C 168 -20.53 -26.64 14.40
N GLY C 169 -19.31 -26.84 14.89
CA GLY C 169 -18.65 -28.15 14.83
C GLY C 169 -19.11 -29.07 15.94
N HIS C 170 -18.86 -30.37 15.79
CA HIS C 170 -19.37 -31.30 16.78
C HIS C 170 -18.35 -31.53 17.91
N ASP C 171 -17.09 -31.20 17.62
CA ASP C 171 -16.02 -31.19 18.60
C ASP C 171 -14.88 -30.30 18.09
N PHE C 172 -13.79 -30.23 18.84
CA PHE C 172 -12.69 -29.29 18.50
C PHE C 172 -12.07 -29.58 17.12
N GLU C 173 -11.71 -30.84 16.87
CA GLU C 173 -11.15 -31.24 15.59
C GLU C 173 -12.06 -30.83 14.44
N ASP C 174 -13.34 -31.13 14.60
CA ASP C 174 -14.35 -30.90 13.57
C ASP C 174 -14.47 -29.43 13.31
N THR C 175 -14.53 -28.64 14.38
CA THR C 175 -14.58 -27.19 14.29
C THR C 175 -13.42 -26.67 13.45
N LEU C 176 -12.22 -27.14 13.74
CA LEU C 176 -11.06 -26.66 12.97
C LEU C 176 -11.09 -27.16 11.53
N ARG C 177 -11.57 -28.37 11.31
CA ARG C 177 -11.65 -28.91 9.96
C ARG C 177 -12.65 -28.09 9.12
N ILE C 178 -13.83 -27.86 9.70
CA ILE C 178 -14.84 -26.97 9.08
C ILE C 178 -14.21 -25.62 8.78
N THR C 179 -13.51 -25.07 9.77
CA THR C 179 -12.85 -23.80 9.58
C THR C 179 -11.90 -23.86 8.40
N ASP C 180 -11.10 -24.94 8.32
CA ASP C 180 -10.17 -25.11 7.19
C ASP C 180 -10.89 -25.06 5.82
N TYR C 181 -11.98 -25.80 5.70
CA TYR C 181 -12.73 -25.79 4.46
C TYR C 181 -13.35 -24.43 4.15
N LEU C 182 -13.81 -23.72 5.19
CA LEU C 182 -14.40 -22.38 5.02
C LEU C 182 -13.35 -21.37 4.60
N VAL C 183 -12.19 -21.43 5.25
CA VAL C 183 -11.03 -20.62 4.83
C VAL C 183 -10.70 -20.90 3.37
N SER C 184 -10.65 -22.17 3.02
CA SER C 184 -10.34 -22.55 1.63
C SER C 184 -11.37 -21.99 0.65
N ARG C 185 -12.63 -22.06 1.03
CA ARG C 185 -13.65 -21.55 0.14
C ARG C 185 -13.54 -20.03 -0.02
N GLU C 186 -13.25 -19.35 1.08
CA GLU C 186 -13.04 -17.88 1.05
C GLU C 186 -11.81 -17.48 0.23
N ARG C 187 -10.73 -18.25 0.38
CA ARG C 187 -9.56 -18.09 -0.48
C ARG C 187 -9.90 -18.25 -1.98
N ALA C 188 -10.65 -19.30 -2.32
CA ALA C 188 -11.05 -19.52 -3.72
C ALA C 188 -12.03 -18.47 -4.20
N ALA C 189 -12.91 -18.02 -3.29
CA ALA C 189 -13.92 -17.00 -3.61
C ALA C 189 -13.31 -15.62 -3.78
N SER C 190 -12.28 -15.30 -2.98
CA SER C 190 -11.55 -14.03 -3.08
C SER C 190 -11.43 -13.59 -4.53
N HIS C 191 -10.97 -14.52 -5.36
CA HIS C 191 -10.67 -14.30 -6.78
C HIS C 191 -11.86 -13.80 -7.61
N GLY C 192 -13.04 -14.36 -7.33
CA GLY C 192 -14.26 -13.93 -7.98
C GLY C 192 -15.10 -13.17 -6.99
N UNK D 1 -17.09 -32.17 22.21
CA UNK D 1 -16.15 -31.13 22.76
C UNK D 1 -16.83 -29.78 22.67
N UNK D 2 -17.48 -29.41 23.76
CA UNK D 2 -18.65 -28.54 23.71
C UNK D 2 -18.37 -27.05 23.77
N UNK D 3 -19.39 -26.32 24.24
CA UNK D 3 -19.41 -24.88 24.33
C UNK D 3 -20.00 -24.50 25.68
N UNK D 4 -19.58 -23.36 26.21
CA UNK D 4 -20.20 -22.81 27.41
C UNK D 4 -21.23 -21.82 26.91
N UNK D 5 -22.49 -22.05 27.29
CA UNK D 5 -23.60 -21.20 26.87
C UNK D 5 -23.46 -19.77 27.39
N UNK D 6 -23.85 -18.81 26.56
CA UNK D 6 -23.81 -17.43 26.96
C UNK D 6 -24.32 -16.57 25.83
N UNK D 7 -24.84 -15.42 26.19
CA UNK D 7 -25.32 -14.47 25.20
C UNK D 7 -24.91 -13.09 25.62
N UNK D 8 -24.67 -12.24 24.62
CA UNK D 8 -24.46 -10.82 24.85
C UNK D 8 -25.70 -10.23 25.54
#